data_1YP0
#
_entry.id   1YP0
#
_cell.length_a   73.175
_cell.length_b   73.175
_cell.length_c   115.731
_cell.angle_alpha   90.00
_cell.angle_beta   90.00
_cell.angle_gamma   90.00
#
_symmetry.space_group_name_H-M   'P 41 21 2'
#
loop_
_entity.id
_entity.type
_entity.pdbx_description
1 polymer 'nuclear receptor subfamily 5, group A, member 1'
2 polymer 'Nuclear receptor subfamily 0, group B, member 2'
3 non-polymer DI-PALMITOYL-3-SN-PHOSPHATIDYLETHANOLAMINE
4 water water
#
loop_
_entity_poly.entity_id
_entity_poly.type
_entity_poly.pdbx_seq_one_letter_code
_entity_poly.pdbx_strand_id
1 'polypeptide(L)'
;NVPELILQLLQLEPEEDQVRARIVGCLQEPAKSRSDQPAPFSLLCRMADQTFISIVDWARRCMVFKELEVADQMTLLQNC
WSELLVLDHIYRQVQYGKEDSILLVTGQEVELSTVAVQAGSLLHSLVLRAQELVLQLHALQLDRQEFVCLKFLILFSLDV
KFLNNHSLVKDAQEKANAALLDYTLCHYPHCGDKFQQLLLCLVEVRALSMQAKEYLYHKHLGNEMPRNNLLIEMLQAKQ
;
A
2 'polypeptide(L)' HPTILYTLLSPG B
#
# COMPACT_ATOMS: atom_id res chain seq x y z
N ASN A 1 8.10 4.24 25.97
CA ASN A 1 7.30 2.99 25.87
C ASN A 1 7.09 2.59 24.41
N VAL A 2 7.53 3.44 23.49
CA VAL A 2 7.39 3.18 22.06
C VAL A 2 8.76 3.15 21.40
N PRO A 3 9.05 2.13 20.59
CA PRO A 3 10.35 2.05 19.92
C PRO A 3 10.67 3.29 19.10
N GLU A 4 11.93 3.68 19.11
CA GLU A 4 12.39 4.86 18.37
C GLU A 4 11.97 4.81 16.91
N LEU A 5 12.16 3.66 16.28
CA LEU A 5 11.81 3.52 14.86
C LEU A 5 10.35 3.89 14.59
N ILE A 6 9.45 3.43 15.45
CA ILE A 6 8.04 3.73 15.27
C ILE A 6 7.75 5.21 15.49
N LEU A 7 8.42 5.81 16.48
CA LEU A 7 8.22 7.23 16.74
C LEU A 7 8.66 8.03 15.51
N GLN A 8 9.76 7.62 14.90
CA GLN A 8 10.26 8.31 13.71
C GLN A 8 9.28 8.13 12.54
N LEU A 9 8.80 6.91 12.34
CA LEU A 9 7.87 6.64 11.25
C LEU A 9 6.56 7.42 11.40
N LEU A 10 6.10 7.60 12.63
CA LEU A 10 4.88 8.35 12.85
C LEU A 10 5.06 9.79 12.37
N GLN A 11 6.26 10.32 12.53
CA GLN A 11 6.56 11.69 12.10
C GLN A 11 6.57 11.87 10.60
N LEU A 12 6.61 10.75 9.86
CA LEU A 12 6.62 10.78 8.41
C LEU A 12 5.28 10.37 7.81
N GLU A 13 4.36 9.92 8.65
CA GLU A 13 3.06 9.47 8.19
C GLU A 13 2.04 10.60 8.06
N PRO A 14 1.62 10.88 6.82
CA PRO A 14 0.65 11.94 6.50
C PRO A 14 -0.73 11.69 7.11
N GLU A 15 -1.53 12.73 7.12
CA GLU A 15 -2.89 12.66 7.63
C GLU A 15 -3.77 12.19 6.48
N GLU A 16 -4.69 11.28 6.77
CA GLU A 16 -5.59 10.77 5.74
C GLU A 16 -6.24 11.95 5.03
N ASP A 17 -6.32 13.07 5.74
CA ASP A 17 -6.91 14.31 5.22
C ASP A 17 -6.08 14.95 4.10
N GLN A 18 -4.78 15.12 4.35
CA GLN A 18 -3.90 15.74 3.37
C GLN A 18 -3.67 14.88 2.14
N VAL A 19 -3.59 13.56 2.33
CA VAL A 19 -3.38 12.66 1.21
C VAL A 19 -4.59 12.79 0.28
N ARG A 20 -5.78 12.80 0.87
CA ARG A 20 -7.02 12.92 0.13
C ARG A 20 -7.03 14.22 -0.68
N ALA A 21 -6.70 15.31 -0.03
CA ALA A 21 -6.67 16.61 -0.68
C ALA A 21 -5.67 16.60 -1.84
N ARG A 22 -4.49 16.03 -1.58
CA ARG A 22 -3.44 15.95 -2.58
C ARG A 22 -3.85 15.17 -3.82
N ILE A 23 -4.43 14.00 -3.62
CA ILE A 23 -4.86 13.17 -4.73
C ILE A 23 -6.05 13.72 -5.50
N VAL A 24 -7.03 14.27 -4.81
CA VAL A 24 -8.19 14.84 -5.49
C VAL A 24 -7.72 16.03 -6.31
N GLY A 25 -6.67 16.70 -5.85
CA GLY A 25 -6.15 17.85 -6.59
C GLY A 25 -5.51 17.38 -7.89
N CYS A 26 -4.84 16.24 -7.83
CA CYS A 26 -4.19 15.66 -8.99
C CYS A 26 -5.24 14.96 -9.84
N LEU A 27 -6.40 14.69 -9.23
CA LEU A 27 -7.47 14.01 -9.93
C LEU A 27 -8.77 14.79 -9.80
N GLN A 28 -9.49 14.91 -10.89
CA GLN A 28 -10.71 15.68 -10.80
C GLN A 28 -10.86 16.44 -12.05
N GLU A 29 -12.04 16.35 -12.59
CA GLU A 29 -12.30 17.06 -13.85
C GLU A 29 -13.81 17.14 -13.92
N PRO A 30 -14.44 16.00 -14.17
CA PRO A 30 -15.89 15.94 -14.27
C PRO A 30 -16.50 14.99 -15.30
N ALA A 31 -16.96 13.82 -14.85
CA ALA A 31 -17.57 12.80 -15.71
C ALA A 31 -17.47 11.49 -14.97
N LYS A 32 -18.38 11.27 -14.00
CA LYS A 32 -18.36 10.05 -13.19
C LYS A 32 -18.17 10.45 -11.74
N SER A 33 -17.24 9.79 -11.05
CA SER A 33 -16.94 10.05 -9.63
C SER A 33 -17.79 11.11 -8.97
N ARG A 34 -17.74 12.30 -9.58
CA ARG A 34 -18.56 13.40 -9.15
C ARG A 34 -19.91 12.72 -9.32
N SER A 35 -20.60 12.90 -10.43
CA SER A 35 -21.89 12.25 -10.59
C SER A 35 -22.26 10.96 -9.78
N ASP A 36 -21.29 10.09 -9.48
CA ASP A 36 -21.54 8.88 -8.69
C ASP A 36 -21.82 7.55 -9.41
N GLN A 37 -22.99 7.49 -10.08
CA GLN A 37 -23.51 6.31 -10.80
C GLN A 37 -22.83 5.66 -11.97
N PRO A 38 -22.54 4.39 -11.87
CA PRO A 38 -21.89 3.89 -13.02
C PRO A 38 -20.46 3.78 -12.56
N ALA A 39 -19.56 4.77 -12.54
CA ALA A 39 -18.18 4.57 -12.05
C ALA A 39 -17.05 4.56 -13.12
N PRO A 40 -16.17 5.53 -13.05
CA PRO A 40 -15.07 5.71 -13.99
C PRO A 40 -13.88 4.80 -13.79
N PHE A 41 -13.71 3.90 -14.73
CA PHE A 41 -12.58 2.99 -14.66
C PHE A 41 -11.25 3.73 -14.81
N SER A 42 -11.16 4.60 -15.81
CA SER A 42 -9.93 5.35 -16.06
C SER A 42 -9.55 6.24 -14.87
N LEU A 43 -10.55 6.88 -14.27
CA LEU A 43 -10.32 7.76 -13.14
C LEU A 43 -9.80 6.97 -11.94
N LEU A 44 -10.36 5.79 -11.71
CA LEU A 44 -9.93 4.96 -10.59
C LEU A 44 -8.52 4.46 -10.81
N CYS A 45 -8.15 4.25 -12.08
CA CYS A 45 -6.80 3.81 -12.41
C CYS A 45 -5.83 4.94 -12.07
N ARG A 46 -6.22 6.16 -12.42
CA ARG A 46 -5.37 7.32 -12.13
C ARG A 46 -5.28 7.54 -10.63
N MET A 47 -6.37 7.25 -9.92
CA MET A 47 -6.40 7.39 -8.47
C MET A 47 -5.41 6.44 -7.83
N ALA A 48 -5.38 5.20 -8.32
CA ALA A 48 -4.45 4.21 -7.79
C ALA A 48 -3.01 4.62 -8.11
N ASP A 49 -2.79 5.14 -9.31
CA ASP A 49 -1.47 5.60 -9.72
C ASP A 49 -1.01 6.73 -8.80
N GLN A 50 -1.90 7.67 -8.52
CA GLN A 50 -1.57 8.79 -7.65
C GLN A 50 -1.31 8.33 -6.22
N THR A 51 -2.00 7.27 -5.80
CA THR A 51 -1.81 6.75 -4.45
C THR A 51 -0.39 6.19 -4.38
N PHE A 52 0.04 5.48 -5.42
CA PHE A 52 1.39 4.94 -5.39
C PHE A 52 2.43 6.06 -5.42
N ILE A 53 2.15 7.13 -6.16
CA ILE A 53 3.09 8.25 -6.20
C ILE A 53 3.25 8.81 -4.78
N SER A 54 2.15 8.87 -4.03
CA SER A 54 2.20 9.36 -2.65
C SER A 54 3.04 8.41 -1.79
N ILE A 55 2.92 7.11 -2.06
CA ILE A 55 3.68 6.11 -1.33
C ILE A 55 5.17 6.20 -1.65
N VAL A 56 5.49 6.48 -2.91
CA VAL A 56 6.88 6.62 -3.31
C VAL A 56 7.48 7.84 -2.62
N ASP A 57 6.70 8.91 -2.51
CA ASP A 57 7.17 10.12 -1.84
C ASP A 57 7.46 9.82 -0.37
N TRP A 58 6.61 9.01 0.25
CA TRP A 58 6.81 8.63 1.65
C TRP A 58 8.12 7.86 1.75
N ALA A 59 8.30 6.87 0.88
CA ALA A 59 9.52 6.06 0.91
C ALA A 59 10.78 6.92 0.78
N ARG A 60 10.76 7.86 -0.15
CA ARG A 60 11.90 8.73 -0.38
C ARG A 60 12.33 9.49 0.88
N ARG A 61 11.38 9.77 1.76
CA ARG A 61 11.67 10.51 3.01
C ARG A 61 12.07 9.60 4.17
N CYS A 62 11.81 8.31 4.04
CA CYS A 62 12.11 7.35 5.08
C CYS A 62 13.56 7.16 5.47
N MET A 63 13.78 6.96 6.77
CA MET A 63 15.12 6.70 7.27
C MET A 63 15.61 5.47 6.51
N VAL A 64 16.91 5.40 6.28
CA VAL A 64 17.54 4.30 5.56
C VAL A 64 17.27 4.36 4.05
N PHE A 65 16.01 4.35 3.66
CA PHE A 65 15.68 4.39 2.24
C PHE A 65 16.30 5.62 1.58
N LYS A 66 16.23 6.76 2.27
CA LYS A 66 16.76 8.01 1.74
C LYS A 66 18.29 7.99 1.57
N GLU A 67 18.95 7.02 2.19
CA GLU A 67 20.41 6.91 2.12
C GLU A 67 20.85 5.99 0.97
N LEU A 68 19.91 5.26 0.39
CA LEU A 68 20.22 4.34 -0.69
C LEU A 68 20.32 4.99 -2.07
N GLU A 69 21.08 4.36 -2.96
CA GLU A 69 21.24 4.86 -4.32
C GLU A 69 19.92 4.56 -5.04
N VAL A 70 19.65 5.27 -6.12
CA VAL A 70 18.42 5.08 -6.88
C VAL A 70 18.20 3.63 -7.31
N ALA A 71 19.27 2.93 -7.71
CA ALA A 71 19.14 1.55 -8.14
C ALA A 71 18.54 0.66 -7.04
N ASP A 72 19.05 0.82 -5.82
CA ASP A 72 18.54 0.04 -4.69
C ASP A 72 17.11 0.47 -4.36
N GLN A 73 16.84 1.76 -4.45
CA GLN A 73 15.49 2.26 -4.17
C GLN A 73 14.49 1.68 -5.14
N MET A 74 14.84 1.63 -6.43
CA MET A 74 13.92 1.09 -7.43
C MET A 74 13.69 -0.39 -7.22
N THR A 75 14.75 -1.14 -6.89
CA THR A 75 14.61 -2.57 -6.67
C THR A 75 13.67 -2.85 -5.50
N LEU A 76 13.81 -2.08 -4.42
CA LEU A 76 12.94 -2.28 -3.27
C LEU A 76 11.48 -2.01 -3.63
N LEU A 77 11.23 -0.89 -4.31
CA LEU A 77 9.85 -0.56 -4.69
C LEU A 77 9.26 -1.53 -5.72
N GLN A 78 10.10 -2.09 -6.58
CA GLN A 78 9.62 -3.04 -7.58
C GLN A 78 9.17 -4.34 -6.92
N ASN A 79 9.70 -4.60 -5.73
CA ASN A 79 9.37 -5.80 -4.98
C ASN A 79 8.15 -5.67 -4.07
N CYS A 80 7.81 -4.44 -3.68
CA CYS A 80 6.72 -4.26 -2.73
C CYS A 80 5.59 -3.31 -3.11
N TRP A 81 5.62 -2.76 -4.31
CA TRP A 81 4.59 -1.80 -4.71
C TRP A 81 3.15 -2.26 -4.51
N SER A 82 2.84 -3.48 -4.92
CA SER A 82 1.48 -3.98 -4.80
C SER A 82 1.08 -4.21 -3.35
N GLU A 83 2.01 -4.71 -2.55
CA GLU A 83 1.74 -4.95 -1.14
C GLU A 83 1.51 -3.62 -0.40
N LEU A 84 2.27 -2.58 -0.72
CA LEU A 84 2.08 -1.30 -0.06
C LEU A 84 0.72 -0.69 -0.42
N LEU A 85 0.32 -0.85 -1.68
CA LEU A 85 -0.98 -0.33 -2.11
C LEU A 85 -2.12 -1.11 -1.46
N VAL A 86 -1.97 -2.43 -1.34
CA VAL A 86 -3.02 -3.23 -0.72
C VAL A 86 -3.11 -2.92 0.78
N LEU A 87 -1.97 -2.83 1.45
CA LEU A 87 -1.98 -2.51 2.88
C LEU A 87 -2.61 -1.13 3.10
N ASP A 88 -2.29 -0.19 2.22
CA ASP A 88 -2.85 1.16 2.32
C ASP A 88 -4.38 1.11 2.25
N HIS A 89 -4.90 0.35 1.30
CA HIS A 89 -6.34 0.20 1.14
C HIS A 89 -6.95 -0.46 2.37
N ILE A 90 -6.33 -1.53 2.84
CA ILE A 90 -6.82 -2.24 4.00
C ILE A 90 -6.85 -1.38 5.25
N TYR A 91 -5.77 -0.64 5.50
CA TYR A 91 -5.75 0.20 6.70
C TYR A 91 -6.82 1.28 6.62
N ARG A 92 -7.05 1.81 5.42
CA ARG A 92 -8.06 2.83 5.25
C ARG A 92 -9.42 2.26 5.68
N GLN A 93 -9.66 1.00 5.36
CA GLN A 93 -10.93 0.36 5.72
C GLN A 93 -11.00 0.09 7.22
N VAL A 94 -9.87 -0.26 7.82
CA VAL A 94 -9.84 -0.54 9.25
C VAL A 94 -10.29 0.71 10.01
N GLN A 95 -9.78 1.87 9.62
CA GLN A 95 -10.15 3.12 10.28
C GLN A 95 -11.57 3.56 9.92
N TYR A 96 -11.98 3.26 8.68
CA TYR A 96 -13.31 3.61 8.19
C TYR A 96 -14.37 2.92 9.06
N GLY A 97 -14.17 1.63 9.33
CA GLY A 97 -15.08 0.88 10.17
C GLY A 97 -16.49 0.61 9.70
N LYS A 98 -16.68 0.35 8.41
CA LYS A 98 -18.00 0.05 7.87
C LYS A 98 -17.93 -1.24 7.05
N GLU A 99 -18.73 -2.24 7.43
CA GLU A 99 -18.72 -3.51 6.73
C GLU A 99 -19.55 -3.60 5.46
N ASP A 100 -20.35 -2.58 5.16
CA ASP A 100 -21.18 -2.63 3.96
C ASP A 100 -20.72 -1.71 2.85
N SER A 101 -19.61 -1.01 3.07
CA SER A 101 -19.08 -0.10 2.06
C SER A 101 -17.57 0.01 2.16
N ILE A 102 -16.95 0.52 1.10
CA ILE A 102 -15.51 0.72 1.04
C ILE A 102 -15.21 2.21 0.88
N LEU A 103 -14.14 2.67 1.51
CA LEU A 103 -13.75 4.06 1.42
C LEU A 103 -12.53 4.18 0.51
N LEU A 104 -12.60 5.11 -0.44
CA LEU A 104 -11.49 5.34 -1.37
C LEU A 104 -10.66 6.50 -0.85
N VAL A 105 -9.42 6.60 -1.31
CA VAL A 105 -8.53 7.67 -0.86
C VAL A 105 -9.07 9.08 -1.18
N THR A 106 -9.95 9.17 -2.17
CA THR A 106 -10.54 10.45 -2.56
C THR A 106 -11.66 10.84 -1.62
N GLY A 107 -12.10 9.89 -0.80
CA GLY A 107 -13.19 10.17 0.13
C GLY A 107 -14.49 9.55 -0.34
N GLN A 108 -14.49 9.05 -1.59
CA GLN A 108 -15.68 8.43 -2.16
C GLN A 108 -16.00 7.13 -1.44
N GLU A 109 -17.28 6.92 -1.15
CA GLU A 109 -17.71 5.70 -0.48
C GLU A 109 -18.44 4.84 -1.50
N VAL A 110 -18.06 3.57 -1.58
CA VAL A 110 -18.68 2.66 -2.52
C VAL A 110 -19.32 1.49 -1.79
N GLU A 111 -20.63 1.32 -1.98
CA GLU A 111 -21.35 0.23 -1.34
C GLU A 111 -20.84 -1.09 -1.90
N LEU A 112 -20.74 -2.12 -1.05
CA LEU A 112 -20.28 -3.41 -1.53
C LEU A 112 -21.32 -4.01 -2.48
N SER A 113 -22.57 -3.59 -2.32
CA SER A 113 -23.63 -4.08 -3.20
C SER A 113 -23.34 -3.58 -4.61
N THR A 114 -22.76 -2.39 -4.69
CA THR A 114 -22.41 -1.78 -5.97
C THR A 114 -21.26 -2.56 -6.61
N VAL A 115 -20.34 -3.03 -5.79
CA VAL A 115 -19.21 -3.81 -6.32
C VAL A 115 -19.73 -5.12 -6.89
N ALA A 116 -20.68 -5.74 -6.20
CA ALA A 116 -21.24 -7.01 -6.67
C ALA A 116 -21.90 -6.82 -8.04
N VAL A 117 -22.48 -5.65 -8.26
CA VAL A 117 -23.15 -5.37 -9.53
C VAL A 117 -22.19 -5.03 -10.67
N GLN A 118 -21.21 -4.18 -10.39
CA GLN A 118 -20.27 -3.73 -11.42
C GLN A 118 -19.01 -4.55 -11.66
N ALA A 119 -18.46 -5.16 -10.62
CA ALA A 119 -17.23 -5.92 -10.77
C ALA A 119 -17.36 -7.32 -11.35
N GLY A 120 -16.32 -7.73 -12.06
CA GLY A 120 -16.28 -9.07 -12.62
C GLY A 120 -15.92 -9.98 -11.46
N SER A 121 -15.91 -11.29 -11.70
CA SER A 121 -15.60 -12.25 -10.65
C SER A 121 -14.24 -12.03 -9.96
N LEU A 122 -13.21 -11.79 -10.76
CA LEU A 122 -11.87 -11.60 -10.20
C LEU A 122 -11.81 -10.41 -9.25
N LEU A 123 -12.20 -9.24 -9.72
CA LEU A 123 -12.15 -8.06 -8.87
C LEU A 123 -13.07 -8.19 -7.67
N HIS A 124 -14.26 -8.74 -7.87
CA HIS A 124 -15.18 -8.90 -6.76
C HIS A 124 -14.51 -9.71 -5.67
N SER A 125 -13.87 -10.80 -6.08
CA SER A 125 -13.16 -11.68 -5.15
C SER A 125 -12.08 -10.92 -4.38
N LEU A 126 -11.33 -10.09 -5.10
CA LEU A 126 -10.27 -9.31 -4.47
C LEU A 126 -10.82 -8.37 -3.41
N VAL A 127 -11.89 -7.66 -3.75
CA VAL A 127 -12.49 -6.72 -2.82
C VAL A 127 -12.97 -7.42 -1.56
N LEU A 128 -13.65 -8.56 -1.74
CA LEU A 128 -14.16 -9.32 -0.60
C LEU A 128 -13.06 -9.89 0.26
N ARG A 129 -11.98 -10.36 -0.37
CA ARG A 129 -10.86 -10.92 0.38
C ARG A 129 -10.19 -9.83 1.21
N ALA A 130 -10.06 -8.63 0.64
CA ALA A 130 -9.46 -7.53 1.38
C ALA A 130 -10.31 -7.21 2.59
N GLN A 131 -11.64 -7.29 2.45
CA GLN A 131 -12.52 -7.02 3.58
C GLN A 131 -12.35 -8.06 4.67
N GLU A 132 -12.05 -9.30 4.30
CA GLU A 132 -11.84 -10.34 5.30
C GLU A 132 -10.59 -10.00 6.10
N LEU A 133 -9.56 -9.48 5.42
CA LEU A 133 -8.33 -9.09 6.11
C LEU A 133 -8.60 -7.88 7.01
N VAL A 134 -9.47 -7.00 6.57
CA VAL A 134 -9.81 -5.83 7.36
C VAL A 134 -10.42 -6.30 8.67
N LEU A 135 -11.30 -7.30 8.59
CA LEU A 135 -11.94 -7.84 9.78
C LEU A 135 -10.92 -8.46 10.73
N GLN A 136 -9.96 -9.19 10.18
CA GLN A 136 -8.91 -9.81 11.01
C GLN A 136 -8.10 -8.76 11.74
N LEU A 137 -7.71 -7.70 11.02
CA LEU A 137 -6.90 -6.65 11.61
C LEU A 137 -7.68 -5.84 12.63
N HIS A 138 -8.99 -5.68 12.42
CA HIS A 138 -9.83 -4.96 13.37
C HIS A 138 -9.88 -5.77 14.67
N ALA A 139 -10.03 -7.08 14.54
CA ALA A 139 -10.09 -7.97 15.71
C ALA A 139 -8.77 -7.96 16.46
N LEU A 140 -7.68 -7.76 15.74
CA LEU A 140 -6.34 -7.72 16.33
C LEU A 140 -6.04 -6.35 16.95
N GLN A 141 -6.94 -5.40 16.76
CA GLN A 141 -6.79 -4.05 17.27
C GLN A 141 -5.59 -3.35 16.66
N LEU A 142 -5.41 -3.52 15.35
CA LEU A 142 -4.31 -2.88 14.64
C LEU A 142 -4.36 -1.37 14.86
N ASP A 143 -3.26 -0.78 15.31
CA ASP A 143 -3.24 0.67 15.51
C ASP A 143 -2.25 1.35 14.57
N ARG A 144 -2.19 2.67 14.61
CA ARG A 144 -1.33 3.44 13.71
C ARG A 144 0.15 3.12 13.86
N GLN A 145 0.60 2.87 15.08
CA GLN A 145 2.00 2.55 15.34
C GLN A 145 2.38 1.25 14.62
N GLU A 146 1.51 0.26 14.72
CA GLU A 146 1.75 -1.01 14.07
C GLU A 146 1.67 -0.87 12.56
N PHE A 147 0.73 -0.07 12.08
CA PHE A 147 0.57 0.16 10.65
C PHE A 147 1.84 0.75 10.02
N VAL A 148 2.38 1.81 10.61
CA VAL A 148 3.57 2.40 10.02
C VAL A 148 4.75 1.45 10.09
N CYS A 149 4.81 0.63 11.13
CA CYS A 149 5.92 -0.33 11.23
C CYS A 149 5.76 -1.40 10.15
N LEU A 150 4.52 -1.81 9.89
CA LEU A 150 4.26 -2.82 8.87
C LEU A 150 4.62 -2.27 7.48
N LYS A 151 4.33 -1.00 7.24
CA LYS A 151 4.66 -0.37 5.96
C LYS A 151 6.17 -0.43 5.76
N PHE A 152 6.91 -0.08 6.81
CA PHE A 152 8.37 -0.09 6.75
C PHE A 152 8.88 -1.52 6.54
N LEU A 153 8.27 -2.48 7.22
CA LEU A 153 8.66 -3.88 7.07
C LEU A 153 8.44 -4.34 5.63
N ILE A 154 7.33 -3.94 5.03
CA ILE A 154 7.03 -4.31 3.66
C ILE A 154 8.03 -3.66 2.72
N LEU A 155 8.30 -2.38 2.93
CA LEU A 155 9.24 -1.65 2.08
C LEU A 155 10.60 -2.34 2.03
N PHE A 156 11.05 -2.84 3.18
CA PHE A 156 12.33 -3.53 3.25
C PHE A 156 12.19 -5.05 3.38
N SER A 157 11.16 -5.59 2.73
CA SER A 157 10.91 -7.03 2.78
C SER A 157 11.82 -7.86 1.86
N LEU A 158 12.52 -7.19 0.96
CA LEU A 158 13.40 -7.85 0.02
C LEU A 158 14.69 -8.36 0.67
N ASP A 159 15.13 -9.55 0.28
CA ASP A 159 16.36 -10.11 0.83
C ASP A 159 17.49 -9.18 0.39
N VAL A 160 18.37 -8.83 1.32
CA VAL A 160 19.47 -7.91 1.03
C VAL A 160 20.40 -8.37 -0.09
N LYS A 161 20.38 -9.65 -0.41
CA LYS A 161 21.25 -10.17 -1.46
C LYS A 161 20.92 -9.55 -2.82
N PHE A 162 19.74 -8.94 -2.94
CA PHE A 162 19.33 -8.33 -4.19
C PHE A 162 19.69 -6.85 -4.28
N LEU A 163 20.39 -6.36 -3.26
CA LEU A 163 20.76 -4.95 -3.20
C LEU A 163 22.26 -4.72 -3.11
N ASN A 164 22.68 -3.48 -3.37
CA ASN A 164 24.09 -3.13 -3.28
C ASN A 164 24.44 -2.92 -1.81
N ASN A 165 23.64 -2.13 -1.10
CA ASN A 165 23.90 -1.85 0.31
C ASN A 165 23.25 -2.88 1.21
N HIS A 166 24.00 -3.91 1.57
CA HIS A 166 23.50 -4.98 2.43
C HIS A 166 23.37 -4.59 3.91
N SER A 167 24.48 -4.15 4.48
CA SER A 167 24.53 -3.77 5.89
C SER A 167 23.45 -2.78 6.35
N LEU A 168 23.20 -1.75 5.56
CA LEU A 168 22.21 -0.74 5.91
C LEU A 168 20.80 -1.31 5.95
N VAL A 169 20.41 -2.04 4.91
CA VAL A 169 19.08 -2.62 4.84
C VAL A 169 18.89 -3.76 5.84
N LYS A 170 19.94 -4.55 6.06
CA LYS A 170 19.89 -5.65 7.00
C LYS A 170 19.56 -5.12 8.39
N ASP A 171 20.22 -4.03 8.77
CA ASP A 171 20.00 -3.42 10.07
C ASP A 171 18.57 -2.90 10.16
N ALA A 172 18.07 -2.32 9.06
CA ALA A 172 16.72 -1.79 9.04
C ALA A 172 15.70 -2.91 9.24
N GLN A 173 15.94 -4.05 8.61
CA GLN A 173 15.05 -5.20 8.72
C GLN A 173 15.01 -5.70 10.16
N GLU A 174 16.18 -5.81 10.77
CA GLU A 174 16.26 -6.27 12.16
C GLU A 174 15.58 -5.26 13.09
N LYS A 175 15.84 -3.98 12.86
CA LYS A 175 15.26 -2.93 13.70
C LYS A 175 13.73 -2.91 13.62
N ALA A 176 13.19 -3.08 12.41
CA ALA A 176 11.75 -3.07 12.20
C ALA A 176 11.07 -4.26 12.88
N ASN A 177 11.64 -5.45 12.70
CA ASN A 177 11.06 -6.62 13.32
C ASN A 177 11.12 -6.50 14.84
N ALA A 178 12.23 -5.99 15.35
CA ALA A 178 12.40 -5.82 16.79
C ALA A 178 11.40 -4.80 17.34
N ALA A 179 11.19 -3.72 16.61
CA ALA A 179 10.27 -2.68 17.02
C ALA A 179 8.83 -3.17 17.08
N LEU A 180 8.39 -3.88 16.05
CA LEU A 180 7.03 -4.38 16.03
C LEU A 180 6.81 -5.37 17.17
N LEU A 181 7.79 -6.25 17.40
CA LEU A 181 7.69 -7.25 18.46
C LEU A 181 7.62 -6.56 19.81
N ASP A 182 8.53 -5.62 20.03
CA ASP A 182 8.56 -4.89 21.31
C ASP A 182 7.28 -4.11 21.54
N TYR A 183 6.85 -3.34 20.53
CA TYR A 183 5.64 -2.55 20.66
C TYR A 183 4.40 -3.40 20.99
N THR A 184 4.20 -4.46 20.21
CA THR A 184 3.03 -5.31 20.43
C THR A 184 3.05 -6.01 21.79
N LEU A 185 4.23 -6.44 22.23
CA LEU A 185 4.35 -7.11 23.52
C LEU A 185 4.07 -6.16 24.68
N CYS A 186 4.53 -4.92 24.55
CA CYS A 186 4.33 -3.93 25.61
C CYS A 186 2.95 -3.28 25.63
N HIS A 187 2.38 -3.02 24.46
CA HIS A 187 1.07 -2.38 24.39
C HIS A 187 -0.13 -3.31 24.32
N TYR A 188 0.10 -4.55 23.90
CA TYR A 188 -0.98 -5.53 23.80
C TYR A 188 -0.51 -6.85 24.38
N PRO A 189 -0.10 -6.85 25.66
CA PRO A 189 0.39 -8.05 26.33
C PRO A 189 -0.57 -9.23 26.37
N HIS A 190 -1.88 -8.95 26.33
CA HIS A 190 -2.86 -10.02 26.39
C HIS A 190 -3.15 -10.69 25.05
N CYS A 191 -2.45 -10.25 24.02
CA CYS A 191 -2.58 -10.87 22.70
C CYS A 191 -1.25 -11.58 22.52
N GLY A 192 -1.13 -12.70 23.22
CA GLY A 192 0.06 -13.55 23.20
C GLY A 192 1.06 -13.38 22.08
N ASP A 193 0.65 -13.69 20.87
CA ASP A 193 1.56 -13.55 19.74
C ASP A 193 0.97 -12.66 18.69
N LYS A 194 0.65 -11.42 19.08
CA LYS A 194 0.11 -10.46 18.13
C LYS A 194 1.11 -10.26 17.01
N PHE A 195 2.40 -10.23 17.38
CA PHE A 195 3.47 -10.05 16.40
C PHE A 195 3.38 -11.11 15.30
N GLN A 196 3.33 -12.39 15.68
CA GLN A 196 3.21 -13.47 14.69
C GLN A 196 1.94 -13.34 13.87
N GLN A 197 0.83 -12.99 14.51
CA GLN A 197 -0.42 -12.86 13.79
C GLN A 197 -0.34 -11.74 12.74
N LEU A 198 0.35 -10.65 13.08
CA LEU A 198 0.50 -9.57 12.12
C LEU A 198 1.37 -10.02 10.96
N LEU A 199 2.41 -10.81 11.23
CA LEU A 199 3.26 -11.31 10.16
C LEU A 199 2.46 -12.24 9.26
N LEU A 200 1.55 -13.01 9.84
CA LEU A 200 0.72 -13.90 9.03
C LEU A 200 -0.22 -13.07 8.18
N CYS A 201 -0.66 -11.92 8.71
CA CYS A 201 -1.52 -11.03 7.93
C CYS A 201 -0.74 -10.52 6.73
N LEU A 202 0.58 -10.31 6.89
CA LEU A 202 1.40 -9.85 5.77
C LEU A 202 1.49 -10.96 4.72
N VAL A 203 1.50 -12.22 5.17
CA VAL A 203 1.53 -13.34 4.22
C VAL A 203 0.24 -13.27 3.39
N GLU A 204 -0.87 -12.96 4.06
CA GLU A 204 -2.16 -12.84 3.39
C GLU A 204 -2.15 -11.65 2.44
N VAL A 205 -1.54 -10.55 2.85
CA VAL A 205 -1.46 -9.36 1.99
C VAL A 205 -0.67 -9.70 0.73
N ARG A 206 0.42 -10.45 0.89
CA ARG A 206 1.24 -10.84 -0.24
C ARG A 206 0.44 -11.69 -1.23
N ALA A 207 -0.35 -12.64 -0.71
CA ALA A 207 -1.14 -13.51 -1.57
C ALA A 207 -2.20 -12.68 -2.32
N LEU A 208 -2.80 -11.74 -1.61
CA LEU A 208 -3.81 -10.89 -2.19
C LEU A 208 -3.20 -9.98 -3.25
N SER A 209 -2.00 -9.48 -2.98
CA SER A 209 -1.31 -8.60 -3.92
C SER A 209 -0.97 -9.36 -5.22
N MET A 210 -0.64 -10.63 -5.11
CA MET A 210 -0.32 -11.41 -6.30
C MET A 210 -1.59 -11.54 -7.15
N GLN A 211 -2.71 -11.74 -6.49
CA GLN A 211 -3.97 -11.86 -7.22
C GLN A 211 -4.31 -10.51 -7.86
N ALA A 212 -3.95 -9.43 -7.20
CA ALA A 212 -4.20 -8.09 -7.75
C ALA A 212 -3.36 -7.90 -9.01
N LYS A 213 -2.13 -8.42 -9.00
CA LYS A 213 -1.27 -8.31 -10.17
C LYS A 213 -1.86 -9.11 -11.32
N GLU A 214 -2.47 -10.26 -11.00
CA GLU A 214 -3.10 -11.08 -12.03
C GLU A 214 -4.29 -10.34 -12.64
N TYR A 215 -5.02 -9.59 -11.82
CA TYR A 215 -6.15 -8.81 -12.31
C TYR A 215 -5.61 -7.74 -13.27
N LEU A 216 -4.56 -7.04 -12.86
CA LEU A 216 -3.97 -6.01 -13.70
C LEU A 216 -3.45 -6.59 -15.01
N TYR A 217 -2.84 -7.77 -14.95
CA TYR A 217 -2.32 -8.41 -16.16
C TYR A 217 -3.46 -8.71 -17.12
N HIS A 218 -4.59 -9.17 -16.58
CA HIS A 218 -5.75 -9.47 -17.41
C HIS A 218 -6.22 -8.21 -18.12
N LYS A 219 -6.30 -7.11 -17.37
CA LYS A 219 -6.72 -5.84 -17.94
C LYS A 219 -5.72 -5.38 -19.01
N HIS A 220 -4.45 -5.61 -18.74
CA HIS A 220 -3.39 -5.23 -19.67
C HIS A 220 -3.55 -5.98 -21.01
N LEU A 221 -3.73 -7.28 -20.93
CA LEU A 221 -3.87 -8.08 -22.16
C LEU A 221 -5.10 -7.69 -22.98
N GLY A 222 -6.11 -7.16 -22.30
CA GLY A 222 -7.32 -6.75 -22.99
C GLY A 222 -7.27 -5.29 -23.43
N ASN A 223 -6.11 -4.68 -23.25
CA ASN A 223 -5.90 -3.27 -23.63
C ASN A 223 -6.96 -2.39 -22.98
N GLU A 224 -7.24 -2.66 -21.70
CA GLU A 224 -8.25 -1.91 -20.96
C GLU A 224 -7.66 -0.87 -20.03
N MET A 225 -6.35 -0.91 -19.82
CA MET A 225 -5.68 0.04 -18.95
C MET A 225 -5.31 1.30 -19.69
N PRO A 226 -5.36 2.45 -19.00
CA PRO A 226 -5.01 3.72 -19.63
C PRO A 226 -3.57 3.64 -20.07
N ARG A 227 -3.21 4.36 -21.13
CA ARG A 227 -1.83 4.33 -21.58
C ARG A 227 -0.97 5.05 -20.54
N ASN A 228 0.29 4.65 -20.45
CA ASN A 228 1.23 5.24 -19.52
C ASN A 228 0.83 5.06 -18.06
N ASN A 229 0.09 3.99 -17.78
CA ASN A 229 -0.34 3.70 -16.41
C ASN A 229 0.87 3.27 -15.60
N LEU A 230 1.07 3.89 -14.43
CA LEU A 230 2.20 3.58 -13.59
C LEU A 230 2.18 2.17 -13.00
N LEU A 231 0.99 1.70 -12.61
CA LEU A 231 0.89 0.35 -12.04
C LEU A 231 1.31 -0.69 -13.07
N ILE A 232 0.96 -0.45 -14.34
CA ILE A 232 1.35 -1.39 -15.38
C ILE A 232 2.87 -1.32 -15.58
N GLU A 233 3.45 -0.14 -15.44
CA GLU A 233 4.90 -0.03 -15.56
C GLU A 233 5.53 -0.87 -14.46
N MET A 234 4.98 -0.78 -13.25
CA MET A 234 5.50 -1.56 -12.13
C MET A 234 5.30 -3.06 -12.38
N LEU A 235 4.16 -3.42 -12.98
CA LEU A 235 3.85 -4.81 -13.27
C LEU A 235 4.88 -5.43 -14.24
N GLN A 236 5.35 -4.61 -15.18
CA GLN A 236 6.32 -5.06 -16.17
C GLN A 236 7.73 -5.19 -15.61
N ALA A 237 7.97 -4.56 -14.46
CA ALA A 237 9.27 -4.60 -13.78
C ALA A 237 10.47 -4.56 -14.71
N LYS A 238 10.53 -3.54 -15.56
CA LYS A 238 11.63 -3.41 -16.50
C LYS A 238 12.42 -2.12 -16.35
N GLN A 239 12.28 -1.46 -15.20
CA GLN A 239 12.99 -0.22 -14.95
C GLN A 239 14.37 -0.49 -14.38
N HIS B 1 17.08 4.70 -20.42
CA HIS B 1 16.16 3.87 -19.59
C HIS B 1 15.19 4.74 -18.80
N PRO B 2 14.65 5.80 -19.41
CA PRO B 2 13.71 6.63 -18.67
C PRO B 2 12.38 5.92 -18.40
N THR B 3 12.00 5.86 -17.14
CA THR B 3 10.74 5.24 -16.73
C THR B 3 10.07 6.20 -15.79
N ILE B 4 8.76 6.03 -15.57
CA ILE B 4 8.05 6.91 -14.66
C ILE B 4 8.67 6.80 -13.27
N LEU B 5 8.91 5.58 -12.81
CA LEU B 5 9.49 5.37 -11.48
C LEU B 5 10.81 6.13 -11.34
N TYR B 6 11.67 6.05 -12.35
CA TYR B 6 12.94 6.73 -12.28
C TYR B 6 12.78 8.24 -12.14
N THR B 7 11.82 8.82 -12.84
CA THR B 7 11.60 10.26 -12.74
C THR B 7 11.07 10.65 -11.37
N LEU B 8 10.45 9.71 -10.68
CA LEU B 8 9.91 9.98 -9.35
C LEU B 8 11.00 9.94 -8.29
N LEU B 9 12.05 9.15 -8.54
CA LEU B 9 13.15 8.99 -7.60
C LEU B 9 14.38 9.85 -7.87
N SER B 10 14.56 10.27 -9.12
CA SER B 10 15.71 11.09 -9.46
C SER B 10 15.33 12.57 -9.49
N PRO B 11 14.49 12.97 -8.53
CA PRO B 11 14.06 14.35 -8.44
C PRO B 11 13.94 15.01 -9.80
N GLY B 12 13.18 14.40 -10.69
CA GLY B 12 13.00 14.95 -12.02
C GLY B 12 12.45 13.92 -12.99
#